data_4KB1
#
_entry.id   4KB1
#
_cell.length_a   60.556
_cell.length_b   81.844
_cell.length_c   73.744
_cell.angle_alpha   90.00
_cell.angle_beta   105.71
_cell.angle_gamma   90.00
#
_symmetry.space_group_name_H-M   'P 1 21 1'
#
loop_
_entity.id
_entity.type
_entity.pdbx_description
1 polymer 'Ribonuclease T'
2 polymer 'Bulge DNA'
3 non-polymer 'MAGNESIUM ION'
4 water water
#
loop_
_entity_poly.entity_id
_entity_poly.type
_entity_poly.pdbx_seq_one_letter_code
_entity_poly.pdbx_strand_id
1 'polypeptide(L)'
;MGSSHHHHHHSSGLVPRGSHMSDNAQLTGLCDRFRGFYPVVIDVETAGFNAKTDALLEIAAITLKMDEQGWLMPDTTLHF
HVEPFVGANLQPEALAFNGIDPNDPDRGAVSEYEALHEIFKVVRKGIKASGCNRAIMVAHNANFDHSFMMAAAERASLKR
NPFHPFATFDTAALAGLALGQTVLSKACQTAGMDFDSTQAHSALYDTERTAVLFCEIVNRWKRLGGWPLSAAEEV
;
A,B
2 'polydeoxyribonucleotide' (DG)(DG)(DC)(DC)(DC)(DT)(DC)(DT)(DT)(DT)(DA)(DG)(DG)(DG)(DC)(DC)(DT)(DC) C,D
#
# COMPACT_ATOMS: atom_id res chain seq x y z
N THR A 28 3.50 -25.23 2.51
CA THR A 28 2.75 -24.96 3.74
C THR A 28 3.59 -24.14 4.72
N GLY A 29 4.81 -23.80 4.30
CA GLY A 29 5.70 -22.99 5.10
C GLY A 29 5.53 -21.50 4.87
N LEU A 30 5.91 -20.72 5.87
CA LEU A 30 5.81 -19.26 5.80
C LEU A 30 6.63 -18.69 4.65
N CYS A 31 7.78 -19.29 4.38
CA CYS A 31 8.69 -18.82 3.32
C CYS A 31 8.13 -19.00 1.91
N ASP A 32 7.15 -19.89 1.78
CA ASP A 32 6.56 -20.18 0.48
C ASP A 32 5.35 -19.30 0.19
N ARG A 33 4.83 -18.65 1.21
CA ARG A 33 3.54 -17.96 1.09
C ARG A 33 3.65 -16.60 0.39
N PHE A 34 4.71 -15.86 0.69
CA PHE A 34 4.90 -14.51 0.13
C PHE A 34 6.29 -14.35 -0.50
N ARG A 35 6.60 -15.24 -1.45
CA ARG A 35 7.90 -15.29 -2.14
C ARG A 35 9.15 -15.01 -1.29
N GLY A 36 9.13 -15.50 -0.06
CA GLY A 36 10.28 -15.39 0.81
C GLY A 36 10.29 -14.15 1.69
N PHE A 37 9.19 -13.40 1.67
CA PHE A 37 9.06 -12.24 2.54
C PHE A 37 8.51 -12.67 3.91
N TYR A 38 9.13 -12.15 4.96
CA TYR A 38 8.75 -12.42 6.34
C TYR A 38 7.88 -11.27 6.84
N PRO A 39 6.55 -11.47 6.88
CA PRO A 39 5.64 -10.37 7.21
C PRO A 39 5.69 -9.99 8.69
N VAL A 40 5.93 -8.72 8.96
CA VAL A 40 5.97 -8.22 10.33
C VAL A 40 5.01 -7.05 10.47
N VAL A 41 4.07 -7.17 11.40
CA VAL A 41 3.06 -6.14 11.60
C VAL A 41 3.62 -5.01 12.46
N ILE A 42 3.43 -3.78 12.02
CA ILE A 42 3.98 -2.61 12.70
C ILE A 42 2.94 -1.53 12.83
N ASP A 43 2.88 -0.92 14.01
CA ASP A 43 2.14 0.34 14.17
C ASP A 43 3.02 1.31 14.96
N VAL A 44 3.06 2.57 14.52
CA VAL A 44 3.79 3.60 15.23
C VAL A 44 2.86 4.70 15.72
N GLU A 45 3.27 5.40 16.77
CA GLU A 45 2.60 6.62 17.18
C GLU A 45 3.62 7.73 17.03
N THR A 46 3.15 8.88 16.54
CA THR A 46 4.05 9.96 16.17
C THR A 46 3.54 11.30 16.70
N ALA A 47 4.33 12.34 16.48
CA ALA A 47 3.91 13.70 16.83
C ALA A 47 3.55 14.49 15.58
N GLY A 48 3.03 13.81 14.56
CA GLY A 48 2.64 14.48 13.33
C GLY A 48 2.68 13.57 12.13
N PHE A 49 2.39 14.14 10.96
CA PHE A 49 2.33 13.36 9.71
C PHE A 49 3.59 13.46 8.87
N ASN A 50 4.57 14.26 9.31
CA ASN A 50 5.81 14.44 8.56
C ASN A 50 6.90 13.53 9.08
N ALA A 51 7.21 12.48 8.34
CA ALA A 51 8.17 11.47 8.78
C ALA A 51 9.59 12.01 8.90
N LYS A 52 9.89 13.05 8.13
CA LYS A 52 11.23 13.63 8.14
C LYS A 52 11.48 14.47 9.39
N THR A 53 10.44 15.15 9.87
CA THR A 53 10.62 16.16 10.92
C THR A 53 9.95 15.86 12.26
N ASP A 54 8.89 15.04 12.24
CA ASP A 54 8.10 14.81 13.45
C ASP A 54 8.56 13.59 14.26
N ALA A 55 8.47 13.72 15.59
CA ALA A 55 8.98 12.69 16.50
C ALA A 55 8.26 11.36 16.32
N LEU A 56 9.02 10.28 16.45
CA LEU A 56 8.47 8.95 16.63
C LEU A 56 8.34 8.72 18.13
N LEU A 57 7.14 8.34 18.58
CA LEU A 57 6.86 8.30 20.02
C LEU A 57 6.61 6.90 20.56
N GLU A 58 6.26 5.97 19.68
CA GLU A 58 5.92 4.62 20.11
C GLU A 58 5.93 3.67 18.93
N ILE A 59 6.30 2.42 19.19
CA ILE A 59 6.29 1.42 18.14
C ILE A 59 5.99 0.03 18.71
N ALA A 60 5.17 -0.73 18.00
CA ALA A 60 4.92 -2.11 18.36
C ALA A 60 5.11 -2.98 17.11
N ALA A 61 5.64 -4.18 17.31
CA ALA A 61 5.91 -5.10 16.21
C ALA A 61 5.41 -6.48 16.56
N ILE A 62 4.79 -7.14 15.59
CA ILE A 62 4.31 -8.51 15.79
C ILE A 62 4.73 -9.38 14.61
N THR A 63 5.58 -10.36 14.88
CA THR A 63 5.97 -11.31 13.85
C THR A 63 4.88 -12.36 13.73
N LEU A 64 4.89 -13.09 12.63
CA LEU A 64 3.87 -14.09 12.37
C LEU A 64 4.51 -15.46 12.17
N LYS A 65 3.70 -16.50 12.33
CA LYS A 65 4.17 -17.85 12.08
C LYS A 65 3.05 -18.67 11.43
N MET A 66 3.44 -19.75 10.77
CA MET A 66 2.49 -20.62 10.10
C MET A 66 2.59 -22.00 10.73
N ASP A 67 1.45 -22.58 11.10
CA ASP A 67 1.48 -23.92 11.69
C ASP A 67 1.65 -24.98 10.60
N GLU A 68 1.58 -26.25 10.99
CA GLU A 68 1.80 -27.35 10.04
C GLU A 68 0.70 -27.46 8.99
N GLN A 69 -0.48 -26.93 9.31
CA GLN A 69 -1.60 -27.01 8.39
C GLN A 69 -1.63 -25.84 7.41
N GLY A 70 -0.74 -24.87 7.61
CA GLY A 70 -0.64 -23.73 6.72
C GLY A 70 -1.48 -22.54 7.18
N TRP A 71 -1.87 -22.52 8.44
CA TRP A 71 -2.64 -21.41 8.98
C TRP A 71 -1.71 -20.36 9.59
N LEU A 72 -2.05 -19.09 9.37
CA LEU A 72 -1.21 -17.99 9.81
C LEU A 72 -1.70 -17.43 11.15
N MET A 73 -0.76 -17.10 12.03
CA MET A 73 -1.09 -16.58 13.35
C MET A 73 0.06 -15.76 13.94
N PRO A 74 -0.24 -14.88 14.90
CA PRO A 74 0.82 -14.07 15.53
C PRO A 74 1.87 -14.91 16.24
N ASP A 75 3.11 -14.46 16.18
CA ASP A 75 4.22 -15.16 16.83
C ASP A 75 4.76 -14.36 18.03
N THR A 76 5.70 -13.45 17.77
CA THR A 76 6.34 -12.65 18.82
C THR A 76 5.85 -11.21 18.79
N THR A 77 5.62 -10.64 19.98
CA THR A 77 5.17 -9.27 20.12
C THR A 77 6.23 -8.41 20.82
N LEU A 78 6.56 -7.26 20.22
CA LEU A 78 7.47 -6.28 20.83
C LEU A 78 6.78 -4.93 20.95
N HIS A 79 7.17 -4.16 21.96
CA HIS A 79 6.54 -2.86 22.18
C HIS A 79 7.50 -1.90 22.88
N PHE A 80 7.65 -0.71 22.33
CA PHE A 80 8.55 0.30 22.88
C PHE A 80 7.92 1.68 22.91
N HIS A 81 8.12 2.40 24.02
CA HIS A 81 7.83 3.82 24.06
C HIS A 81 9.11 4.51 23.62
N VAL A 82 8.99 5.52 22.76
CA VAL A 82 10.15 6.10 22.13
C VAL A 82 10.36 7.56 22.51
N GLU A 83 11.60 7.91 22.85
CA GLU A 83 11.97 9.30 23.10
C GLU A 83 12.00 10.07 21.79
N PRO A 84 11.46 11.29 21.80
CA PRO A 84 11.52 12.16 20.62
C PRO A 84 12.97 12.45 20.27
N PHE A 85 13.36 12.25 19.02
CA PHE A 85 14.76 12.49 18.64
C PHE A 85 15.14 13.96 18.83
N VAL A 86 16.43 14.21 19.05
CA VAL A 86 16.88 15.57 19.32
C VAL A 86 16.60 16.48 18.13
N GLY A 87 15.76 17.49 18.34
CA GLY A 87 15.41 18.42 17.28
C GLY A 87 14.11 18.05 16.60
N ALA A 88 13.42 17.07 17.16
CA ALA A 88 12.15 16.62 16.58
C ALA A 88 11.06 17.67 16.73
N ASN A 89 10.20 17.76 15.73
CA ASN A 89 9.03 18.62 15.80
C ASN A 89 7.88 17.87 16.46
N LEU A 90 7.08 18.58 17.24
CA LEU A 90 5.93 17.98 17.90
C LEU A 90 4.67 18.81 17.65
N GLN A 91 3.70 18.21 16.97
CA GLN A 91 2.44 18.90 16.69
C GLN A 91 1.42 18.60 17.78
N PRO A 92 0.86 19.66 18.38
CA PRO A 92 -0.15 19.55 19.46
C PRO A 92 -1.34 18.69 19.06
N GLU A 93 -1.80 18.82 17.83
CA GLU A 93 -2.97 18.08 17.37
C GLU A 93 -2.71 16.58 17.35
N ALA A 94 -1.47 16.18 17.07
CA ALA A 94 -1.10 14.78 17.06
C ALA A 94 -1.07 14.22 18.47
N LEU A 95 -0.52 15.00 19.41
CA LEU A 95 -0.47 14.60 20.81
C LEU A 95 -1.89 14.57 21.40
N ALA A 96 -2.76 15.43 20.89
CA ALA A 96 -4.15 15.46 21.33
C ALA A 96 -4.86 14.19 20.87
N PHE A 97 -4.45 13.69 19.71
CA PHE A 97 -5.04 12.48 19.15
C PHE A 97 -4.60 11.22 19.91
N ASN A 98 -3.29 11.04 20.07
CA ASN A 98 -2.77 9.81 20.66
C ASN A 98 -2.61 9.87 22.18
N GLY A 99 -2.83 11.05 22.75
CA GLY A 99 -2.80 11.22 24.20
C GLY A 99 -1.44 10.98 24.85
N ILE A 100 -0.38 11.02 24.05
CA ILE A 100 0.96 10.79 24.57
C ILE A 100 1.61 12.08 25.07
N ASP A 101 2.14 12.03 26.29
CA ASP A 101 2.92 13.14 26.83
C ASP A 101 4.39 12.74 26.81
N PRO A 102 5.15 13.33 25.86
CA PRO A 102 6.57 13.00 25.68
C PRO A 102 7.41 13.48 26.86
N ASN A 103 6.79 14.21 27.78
CA ASN A 103 7.50 14.78 28.93
C ASN A 103 7.23 14.03 30.23
N ASP A 104 6.24 13.15 30.22
CA ASP A 104 5.99 12.26 31.35
C ASP A 104 7.26 11.46 31.61
N PRO A 105 7.82 11.56 32.82
CA PRO A 105 9.09 10.89 33.10
C PRO A 105 8.92 9.39 33.34
N ASP A 106 7.70 8.96 33.62
CA ASP A 106 7.43 7.55 33.85
C ASP A 106 6.93 6.84 32.58
N ARG A 107 7.33 7.36 31.42
CA ARG A 107 6.96 6.75 30.15
C ARG A 107 7.63 5.39 29.97
N GLY A 108 8.87 5.29 30.41
CA GLY A 108 9.68 4.11 30.16
C GLY A 108 10.19 4.15 28.73
N ALA A 109 10.35 5.37 28.21
CA ALA A 109 10.78 5.56 26.83
C ALA A 109 12.25 5.24 26.62
N VAL A 110 12.56 4.72 25.44
CA VAL A 110 13.95 4.44 25.05
C VAL A 110 14.23 5.19 23.75
N SER A 111 15.49 5.19 23.32
CA SER A 111 15.85 5.88 22.09
C SER A 111 15.33 5.11 20.89
N GLU A 112 15.18 5.82 19.76
CA GLU A 112 14.81 5.18 18.50
C GLU A 112 15.78 4.06 18.17
N TYR A 113 17.06 4.30 18.44
CA TYR A 113 18.09 3.30 18.20
C TYR A 113 17.79 2.02 18.97
N GLU A 114 17.55 2.17 20.26
CA GLU A 114 17.28 1.04 21.14
C GLU A 114 16.05 0.23 20.69
N ALA A 115 14.97 0.94 20.40
CA ALA A 115 13.73 0.30 19.96
C ALA A 115 13.91 -0.48 18.66
N LEU A 116 14.43 0.19 17.63
CA LEU A 116 14.57 -0.43 16.33
C LEU A 116 15.67 -1.49 16.28
N HIS A 117 16.71 -1.32 17.08
CA HIS A 117 17.79 -2.32 17.11
C HIS A 117 17.25 -3.67 17.60
N GLU A 118 16.39 -3.63 18.61
CA GLU A 118 15.81 -4.85 19.16
C GLU A 118 14.79 -5.46 18.19
N ILE A 119 13.98 -4.61 17.58
CA ILE A 119 13.03 -5.08 16.58
C ILE A 119 13.77 -5.74 15.42
N PHE A 120 14.80 -5.07 14.91
CA PHE A 120 15.58 -5.61 13.80
C PHE A 120 16.21 -6.95 14.14
N LYS A 121 16.70 -7.07 15.38
CA LYS A 121 17.33 -8.30 15.83
C LYS A 121 16.35 -9.47 15.86
N VAL A 122 15.18 -9.24 16.46
CA VAL A 122 14.14 -10.25 16.54
C VAL A 122 13.65 -10.65 15.14
N VAL A 123 13.56 -9.66 14.26
CA VAL A 123 13.12 -9.91 12.90
C VAL A 123 14.15 -10.72 12.11
N ARG A 124 15.43 -10.36 12.25
CA ARG A 124 16.50 -11.12 11.60
C ARG A 124 16.52 -12.56 12.07
N LYS A 125 16.25 -12.75 13.36
CA LYS A 125 16.20 -14.08 13.94
C LYS A 125 15.05 -14.88 13.33
N GLY A 126 13.91 -14.22 13.17
CA GLY A 126 12.73 -14.84 12.60
C GLY A 126 12.89 -15.18 11.12
N ILE A 127 13.57 -14.30 10.39
CA ILE A 127 13.84 -14.52 8.98
C ILE A 127 14.71 -15.76 8.82
N LYS A 128 15.75 -15.84 9.64
CA LYS A 128 16.69 -16.96 9.62
C LYS A 128 15.99 -18.28 9.90
N ALA A 129 15.23 -18.32 10.99
CA ALA A 129 14.58 -19.55 11.44
C ALA A 129 13.50 -20.04 10.47
N SER A 130 12.91 -19.12 9.73
CA SER A 130 11.78 -19.47 8.87
C SER A 130 12.20 -19.73 7.43
N GLY A 131 13.44 -19.42 7.10
CA GLY A 131 13.96 -19.64 5.76
C GLY A 131 13.61 -18.54 4.78
N CYS A 132 13.13 -17.42 5.30
CA CYS A 132 12.79 -16.27 4.46
C CYS A 132 14.05 -15.53 4.02
N ASN A 133 13.87 -14.54 3.14
CA ASN A 133 14.99 -13.75 2.63
C ASN A 133 15.07 -12.37 3.26
N ARG A 134 13.92 -11.76 3.50
CA ARG A 134 13.87 -10.48 4.18
C ARG A 134 12.46 -10.23 4.70
N ALA A 135 12.27 -9.10 5.39
CA ALA A 135 10.97 -8.81 5.97
C ALA A 135 10.18 -7.82 5.13
N ILE A 136 8.87 -7.88 5.27
CA ILE A 136 8.00 -6.88 4.67
C ILE A 136 7.05 -6.35 5.74
N MET A 137 6.92 -5.04 5.83
CA MET A 137 6.06 -4.44 6.84
C MET A 137 4.59 -4.63 6.49
N VAL A 138 3.84 -5.15 7.45
CA VAL A 138 2.38 -5.17 7.36
C VAL A 138 1.87 -4.05 8.26
N ALA A 139 1.06 -3.15 7.71
CA ALA A 139 0.52 -2.05 8.50
C ALA A 139 -0.74 -1.49 7.87
N HIS A 140 -1.53 -0.78 8.67
CA HIS A 140 -2.78 -0.22 8.16
C HIS A 140 -2.55 1.19 7.62
N ASN A 141 -2.79 1.36 6.33
CA ASN A 141 -2.27 2.50 5.57
C ASN A 141 -0.74 2.53 5.73
N ALA A 142 -0.13 1.43 5.28
CA ALA A 142 1.25 1.09 5.60
C ALA A 142 2.31 2.13 5.23
N ASN A 143 2.02 2.97 4.24
CA ASN A 143 3.00 3.97 3.87
C ASN A 143 3.35 4.88 5.03
N PHE A 144 2.37 5.12 5.90
CA PHE A 144 2.59 5.97 7.06
C PHE A 144 3.67 5.38 7.97
N ASP A 145 3.43 4.16 8.45
CA ASP A 145 4.36 3.49 9.35
C ASP A 145 5.71 3.23 8.69
N HIS A 146 5.68 2.83 7.43
CA HIS A 146 6.91 2.54 6.70
C HIS A 146 7.79 3.77 6.60
N SER A 147 7.17 4.91 6.28
CA SER A 147 7.91 6.15 6.15
C SER A 147 8.58 6.57 7.47
N PHE A 148 7.86 6.41 8.58
CA PHE A 148 8.43 6.77 9.88
C PHE A 148 9.52 5.81 10.34
N MET A 149 9.34 4.52 10.08
CA MET A 149 10.35 3.53 10.43
C MET A 149 11.66 3.79 9.69
N MET A 150 11.56 4.02 8.38
CA MET A 150 12.74 4.26 7.56
C MET A 150 13.47 5.54 7.99
N ALA A 151 12.70 6.57 8.31
CA ALA A 151 13.27 7.83 8.78
C ALA A 151 14.03 7.64 10.09
N ALA A 152 13.41 6.93 11.03
CA ALA A 152 14.03 6.66 12.32
C ALA A 152 15.29 5.82 12.18
N ALA A 153 15.25 4.83 11.29
CA ALA A 153 16.40 3.97 11.06
C ALA A 153 17.57 4.76 10.47
N GLU A 154 17.25 5.73 9.61
CA GLU A 154 18.27 6.59 9.03
C GLU A 154 18.89 7.51 10.08
N ARG A 155 18.05 8.12 10.91
CA ARG A 155 18.54 8.96 12.01
C ARG A 155 19.43 8.18 12.96
N ALA A 156 19.00 6.97 13.30
CA ALA A 156 19.70 6.16 14.29
C ALA A 156 20.94 5.46 13.74
N SER A 157 21.17 5.63 12.43
CA SER A 157 22.29 5.01 11.73
C SER A 157 22.27 3.49 11.82
N LEU A 158 21.07 2.91 11.76
CA LEU A 158 20.96 1.47 11.78
C LEU A 158 21.34 0.87 10.44
N LYS A 159 22.08 -0.23 10.50
CA LYS A 159 22.59 -0.88 9.31
C LYS A 159 21.92 -2.23 9.11
N ARG A 160 21.94 -2.71 7.87
CA ARG A 160 21.31 -3.99 7.52
C ARG A 160 19.85 -4.05 7.96
N ASN A 161 19.10 -3.00 7.63
CA ASN A 161 17.66 -2.97 7.85
C ASN A 161 17.02 -4.14 7.14
N PRO A 162 16.36 -5.04 7.90
CA PRO A 162 15.79 -6.26 7.33
C PRO A 162 14.48 -6.01 6.58
N PHE A 163 13.91 -4.82 6.72
CA PHE A 163 12.65 -4.50 6.04
C PHE A 163 12.84 -4.06 4.59
N HIS A 164 11.94 -4.50 3.72
CA HIS A 164 11.95 -4.06 2.32
C HIS A 164 11.86 -2.54 2.27
N PRO A 165 12.74 -1.91 1.49
CA PRO A 165 12.84 -0.44 1.48
C PRO A 165 11.69 0.31 0.82
N PHE A 166 10.78 -0.38 0.12
CA PHE A 166 9.64 0.32 -0.45
C PHE A 166 8.34 -0.50 -0.52
N ALA A 167 8.45 -1.81 -0.56
CA ALA A 167 7.26 -2.67 -0.61
C ALA A 167 6.63 -2.86 0.77
N THR A 168 5.31 -2.86 0.83
CA THR A 168 4.60 -3.12 2.08
C THR A 168 3.38 -3.98 1.81
N PHE A 169 2.81 -4.54 2.88
CA PHE A 169 1.49 -5.17 2.83
C PHE A 169 0.50 -4.26 3.59
N ASP A 170 -0.22 -3.44 2.84
CA ASP A 170 -1.17 -2.51 3.43
C ASP A 170 -2.50 -3.22 3.77
N THR A 171 -2.84 -3.33 5.05
CA THR A 171 -4.08 -4.00 5.42
C THR A 171 -5.34 -3.21 5.06
N ALA A 172 -5.18 -1.92 4.80
CA ALA A 172 -6.31 -1.10 4.33
C ALA A 172 -6.76 -1.57 2.95
N ALA A 173 -5.80 -1.76 2.05
CA ALA A 173 -6.10 -2.27 0.72
C ALA A 173 -6.59 -3.72 0.77
N LEU A 174 -5.95 -4.52 1.63
CA LEU A 174 -6.31 -5.93 1.75
C LEU A 174 -7.74 -6.09 2.29
N ALA A 175 -8.10 -5.25 3.26
CA ALA A 175 -9.45 -5.26 3.81
C ALA A 175 -10.45 -4.73 2.78
N GLY A 176 -10.00 -3.80 1.94
CA GLY A 176 -10.84 -3.31 0.85
C GLY A 176 -11.24 -4.47 -0.02
N LEU A 177 -10.28 -5.32 -0.36
CA LEU A 177 -10.53 -6.51 -1.16
C LEU A 177 -11.37 -7.54 -0.43
N ALA A 178 -10.91 -7.96 0.75
CA ALA A 178 -11.54 -9.07 1.47
C ALA A 178 -12.88 -8.72 2.09
N LEU A 179 -13.06 -7.46 2.49
CA LEU A 179 -14.18 -7.11 3.36
C LEU A 179 -14.99 -5.90 2.88
N GLY A 180 -14.49 -5.22 1.85
CA GLY A 180 -15.16 -4.05 1.33
C GLY A 180 -15.11 -2.87 2.28
N GLN A 181 -14.13 -2.87 3.17
CA GLN A 181 -13.97 -1.79 4.13
C GLN A 181 -12.49 -1.44 4.24
N THR A 182 -12.20 -0.16 4.50
CA THR A 182 -10.81 0.29 4.54
C THR A 182 -10.40 0.89 5.89
N VAL A 183 -11.38 1.25 6.71
CA VAL A 183 -11.11 1.78 8.04
C VAL A 183 -10.86 0.62 8.99
N LEU A 184 -9.80 0.71 9.78
CA LEU A 184 -9.37 -0.42 10.61
C LEU A 184 -10.49 -0.97 11.50
N SER A 185 -11.14 -0.08 12.25
CA SER A 185 -12.21 -0.49 13.16
C SER A 185 -13.33 -1.22 12.41
N LYS A 186 -13.74 -0.66 11.28
CA LYS A 186 -14.84 -1.23 10.51
C LYS A 186 -14.45 -2.53 9.82
N ALA A 187 -13.21 -2.62 9.36
CA ALA A 187 -12.71 -3.85 8.74
C ALA A 187 -12.72 -4.99 9.75
N CYS A 188 -12.21 -4.74 10.95
CA CYS A 188 -12.22 -5.76 11.99
C CYS A 188 -13.63 -6.21 12.35
N GLN A 189 -14.54 -5.25 12.49
CA GLN A 189 -15.92 -5.55 12.82
C GLN A 189 -16.57 -6.39 11.73
N THR A 190 -16.34 -5.99 10.48
CA THR A 190 -16.86 -6.72 9.32
C THR A 190 -16.31 -8.14 9.23
N ALA A 191 -15.07 -8.33 9.67
CA ALA A 191 -14.43 -9.65 9.64
C ALA A 191 -14.93 -10.54 10.79
N GLY A 192 -15.78 -9.99 11.64
CA GLY A 192 -16.30 -10.74 12.77
C GLY A 192 -15.37 -10.71 13.97
N MET A 193 -14.38 -9.82 13.93
CA MET A 193 -13.45 -9.67 15.04
C MET A 193 -14.02 -8.77 16.12
N ASP A 194 -13.51 -8.92 17.33
CA ASP A 194 -13.79 -7.97 18.38
C ASP A 194 -12.99 -6.71 18.10
N PHE A 195 -13.56 -5.55 18.41
CA PHE A 195 -12.83 -4.29 18.31
C PHE A 195 -13.37 -3.27 19.31
N ASP A 196 -12.53 -2.91 20.26
CA ASP A 196 -12.91 -2.08 21.40
C ASP A 196 -12.46 -0.63 21.18
N SER A 197 -13.42 0.25 20.96
CA SER A 197 -13.13 1.65 20.67
C SER A 197 -12.42 2.36 21.83
N THR A 198 -12.56 1.83 23.03
CA THR A 198 -11.89 2.41 24.20
C THR A 198 -10.40 2.09 24.20
N GLN A 199 -10.00 1.13 23.36
CA GLN A 199 -8.60 0.73 23.30
C GLN A 199 -7.93 1.17 22.01
N ALA A 200 -8.74 1.64 21.06
CA ALA A 200 -8.24 2.09 19.77
C ALA A 200 -7.27 3.26 19.96
N HIS A 201 -6.47 3.51 18.94
CA HIS A 201 -5.51 4.62 18.94
C HIS A 201 -4.38 4.45 19.97
N SER A 202 -4.30 3.26 20.56
CA SER A 202 -3.11 2.88 21.33
C SER A 202 -2.31 1.88 20.49
N ALA A 203 -0.99 2.03 20.51
CA ALA A 203 -0.12 1.31 19.58
C ALA A 203 -0.20 -0.21 19.67
N LEU A 204 -0.07 -0.76 20.87
CA LEU A 204 -0.07 -2.21 21.03
C LEU A 204 -1.40 -2.83 20.60
N TYR A 205 -2.51 -2.24 21.02
CA TYR A 205 -3.82 -2.74 20.64
C TYR A 205 -4.03 -2.67 19.13
N ASP A 206 -3.66 -1.55 18.53
CA ASP A 206 -3.81 -1.39 17.08
C ASP A 206 -3.00 -2.43 16.32
N THR A 207 -1.75 -2.65 16.74
CA THR A 207 -0.89 -3.63 16.11
C THR A 207 -1.47 -5.04 16.24
N GLU A 208 -2.00 -5.35 17.42
CA GLU A 208 -2.55 -6.68 17.67
C GLU A 208 -3.78 -6.94 16.81
N ARG A 209 -4.66 -5.95 16.70
CA ARG A 209 -5.85 -6.07 15.87
C ARG A 209 -5.49 -6.15 14.40
N THR A 210 -4.47 -5.39 14.00
CA THR A 210 -4.01 -5.39 12.61
C THR A 210 -3.41 -6.75 12.25
N ALA A 211 -2.68 -7.34 13.19
CA ALA A 211 -2.11 -8.66 12.98
C ALA A 211 -3.19 -9.73 12.86
N VAL A 212 -4.19 -9.67 13.73
CA VAL A 212 -5.29 -10.64 13.66
C VAL A 212 -6.09 -10.45 12.37
N LEU A 213 -6.28 -9.20 11.96
CA LEU A 213 -6.98 -8.91 10.71
C LEU A 213 -6.23 -9.45 9.49
N PHE A 214 -4.92 -9.20 9.44
CA PHE A 214 -4.10 -9.73 8.35
C PHE A 214 -4.16 -11.25 8.33
N CYS A 215 -4.01 -11.87 9.50
CA CYS A 215 -4.07 -13.34 9.58
C CYS A 215 -5.43 -13.88 9.14
N GLU A 216 -6.50 -13.19 9.52
CA GLU A 216 -7.84 -13.62 9.14
C GLU A 216 -8.07 -13.51 7.64
N ILE A 217 -7.57 -12.43 7.04
CA ILE A 217 -7.68 -12.25 5.59
C ILE A 217 -6.92 -13.36 4.84
N VAL A 218 -5.68 -13.62 5.25
CA VAL A 218 -4.90 -14.69 4.64
C VAL A 218 -5.54 -16.06 4.84
N ASN A 219 -5.94 -16.34 6.08
CA ASN A 219 -6.57 -17.63 6.38
C ASN A 219 -7.90 -17.84 5.65
N ARG A 220 -8.67 -16.76 5.51
CA ARG A 220 -9.94 -16.82 4.78
C ARG A 220 -9.73 -17.16 3.31
N TRP A 221 -8.68 -16.59 2.72
CA TRP A 221 -8.34 -16.88 1.32
C TRP A 221 -8.09 -18.38 1.17
N LYS A 222 -7.38 -18.95 2.14
CA LYS A 222 -7.09 -20.38 2.15
C LYS A 222 -8.34 -21.22 2.40
N ARG A 223 -9.20 -20.76 3.30
CA ARG A 223 -10.45 -21.47 3.60
C ARG A 223 -11.34 -21.58 2.37
N LEU A 224 -11.34 -20.53 1.56
CA LEU A 224 -12.21 -20.47 0.39
C LEU A 224 -11.59 -21.14 -0.84
N GLY A 225 -10.38 -21.65 -0.68
CA GLY A 225 -9.74 -22.43 -1.73
C GLY A 225 -8.97 -21.59 -2.74
N GLY A 226 -8.63 -20.37 -2.36
CA GLY A 226 -7.83 -19.51 -3.21
C GLY A 226 -6.36 -19.80 -3.09
N TRP A 227 -5.98 -20.40 -1.96
CA TRP A 227 -4.61 -20.80 -1.71
C TRP A 227 -4.60 -22.21 -1.12
N PRO A 228 -3.65 -23.05 -1.54
CA PRO A 228 -2.62 -22.80 -2.56
C PRO A 228 -3.20 -22.72 -3.96
N LEU A 229 -2.39 -22.31 -4.93
CA LEU A 229 -2.88 -22.09 -6.28
C LEU A 229 -3.42 -23.36 -6.91
N SER A 230 -2.88 -24.50 -6.50
CA SER A 230 -3.38 -25.80 -6.94
C SER A 230 -4.85 -25.95 -6.57
N ALA A 231 -5.22 -25.46 -5.39
CA ALA A 231 -6.60 -25.52 -4.94
C ALA A 231 -7.51 -24.63 -5.76
N ALA A 232 -6.99 -23.47 -6.17
CA ALA A 232 -7.74 -22.53 -6.99
C ALA A 232 -8.08 -23.14 -8.35
N GLU A 233 -7.22 -24.04 -8.81
CA GLU A 233 -7.39 -24.67 -10.12
C GLU A 233 -8.37 -25.84 -10.11
N GLU A 234 -8.90 -26.18 -8.94
CA GLU A 234 -9.81 -27.31 -8.83
C GLU A 234 -11.17 -27.04 -9.47
N VAL A 235 -11.84 -28.12 -9.88
CA VAL A 235 -13.07 -28.07 -10.67
C VAL A 235 -12.93 -27.18 -11.90
N LEU B 27 -25.09 -4.49 -3.47
CA LEU B 27 -25.57 -5.60 -4.30
C LEU B 27 -24.51 -6.09 -5.28
N THR B 28 -24.54 -5.53 -6.48
CA THR B 28 -23.57 -5.82 -7.53
C THR B 28 -23.11 -4.48 -8.11
N GLY B 29 -23.12 -3.45 -7.26
CA GLY B 29 -22.76 -2.11 -7.68
C GLY B 29 -21.35 -1.74 -7.27
N LEU B 30 -20.69 -0.94 -8.09
CA LEU B 30 -19.32 -0.52 -7.84
C LEU B 30 -19.24 0.31 -6.56
N CYS B 31 -20.27 1.12 -6.32
CA CYS B 31 -20.30 1.99 -5.15
C CYS B 31 -20.48 1.21 -3.85
N ASP B 32 -20.89 -0.05 -3.97
CA ASP B 32 -21.10 -0.90 -2.80
C ASP B 32 -19.91 -1.80 -2.51
N ARG B 33 -18.96 -1.86 -3.45
CA ARG B 33 -17.86 -2.82 -3.34
C ARG B 33 -16.73 -2.36 -2.42
N PHE B 34 -16.39 -1.07 -2.48
CA PHE B 34 -15.27 -0.54 -1.71
C PHE B 34 -15.68 0.69 -0.90
N ARG B 35 -16.73 0.52 -0.10
CA ARG B 35 -17.32 1.61 0.71
C ARG B 35 -17.39 2.99 0.05
N GLY B 36 -17.74 3.01 -1.23
CA GLY B 36 -17.94 4.25 -1.92
C GLY B 36 -16.69 4.82 -2.56
N PHE B 37 -15.60 4.05 -2.51
CA PHE B 37 -14.38 4.42 -3.23
C PHE B 37 -14.45 3.98 -4.70
N TYR B 38 -14.07 4.90 -5.58
CA TYR B 38 -14.05 4.67 -7.03
C TYR B 38 -12.62 4.35 -7.45
N PRO B 39 -12.32 3.06 -7.68
CA PRO B 39 -10.92 2.66 -7.94
C PRO B 39 -10.44 3.10 -9.30
N VAL B 40 -9.32 3.82 -9.34
CA VAL B 40 -8.74 4.27 -10.59
C VAL B 40 -7.30 3.81 -10.67
N VAL B 41 -6.97 3.06 -11.70
CA VAL B 41 -5.63 2.50 -11.85
C VAL B 41 -4.70 3.55 -12.46
N ILE B 42 -3.54 3.74 -11.84
CA ILE B 42 -2.59 4.76 -12.28
C ILE B 42 -1.19 4.19 -12.37
N ASP B 43 -0.47 4.57 -13.42
CA ASP B 43 0.96 4.35 -13.46
C ASP B 43 1.64 5.60 -13.97
N VAL B 44 2.79 5.92 -13.39
CA VAL B 44 3.57 7.07 -13.84
C VAL B 44 4.96 6.62 -14.27
N GLU B 45 5.55 7.36 -15.21
CA GLU B 45 6.98 7.25 -15.48
C GLU B 45 7.63 8.57 -15.05
N THR B 46 8.82 8.49 -14.48
CA THR B 46 9.43 9.65 -13.83
C THR B 46 10.91 9.75 -14.17
N ALA B 47 11.54 10.81 -13.69
CA ALA B 47 12.99 10.97 -13.86
C ALA B 47 13.72 10.74 -12.53
N GLY B 48 13.13 9.93 -11.65
CA GLY B 48 13.76 9.64 -10.37
C GLY B 48 12.81 9.14 -9.32
N PHE B 49 13.33 8.92 -8.11
CA PHE B 49 12.53 8.35 -7.02
C PHE B 49 11.98 9.42 -6.07
N ASN B 50 12.39 10.66 -6.28
CA ASN B 50 11.99 11.76 -5.41
C ASN B 50 10.82 12.54 -5.99
N ALA B 51 9.62 12.29 -5.46
CA ALA B 51 8.40 12.90 -5.98
C ALA B 51 8.42 14.43 -5.84
N LYS B 52 9.18 14.91 -4.87
CA LYS B 52 9.22 16.32 -4.55
C LYS B 52 10.04 17.14 -5.55
N THR B 53 11.07 16.53 -6.14
CA THR B 53 12.03 17.25 -6.96
C THR B 53 12.24 16.68 -8.36
N ASP B 54 11.88 15.41 -8.57
CA ASP B 54 12.10 14.78 -9.87
C ASP B 54 10.91 14.90 -10.81
N ALA B 55 11.20 15.00 -12.09
CA ALA B 55 10.18 15.23 -13.11
C ALA B 55 9.20 14.08 -13.27
N LEU B 56 7.94 14.42 -13.52
CA LEU B 56 6.94 13.47 -13.97
C LEU B 56 6.93 13.50 -15.50
N LEU B 57 7.06 12.32 -16.13
CA LEU B 57 7.25 12.26 -17.58
C LEU B 57 6.11 11.56 -18.33
N GLU B 58 5.39 10.68 -17.64
CA GLU B 58 4.25 9.99 -18.24
C GLU B 58 3.23 9.67 -17.17
N ILE B 59 1.95 9.67 -17.53
CA ILE B 59 0.93 9.19 -16.62
C ILE B 59 -0.24 8.59 -17.40
N ALA B 60 -0.71 7.41 -16.96
CA ALA B 60 -1.86 6.79 -17.58
C ALA B 60 -2.88 6.47 -16.49
N ALA B 61 -4.15 6.52 -16.85
CA ALA B 61 -5.22 6.28 -15.90
C ALA B 61 -6.28 5.39 -16.53
N ILE B 62 -6.77 4.42 -15.76
CA ILE B 62 -7.84 3.54 -16.23
C ILE B 62 -8.92 3.44 -15.16
N THR B 63 -10.10 3.94 -15.46
CA THR B 63 -11.22 3.81 -14.54
C THR B 63 -11.85 2.44 -14.72
N LEU B 64 -12.62 2.01 -13.72
CA LEU B 64 -13.21 0.68 -13.74
C LEU B 64 -14.72 0.77 -13.69
N LYS B 65 -15.37 -0.31 -14.07
CA LYS B 65 -16.82 -0.41 -14.00
C LYS B 65 -17.23 -1.82 -13.60
N MET B 66 -18.44 -1.95 -13.08
CA MET B 66 -18.94 -3.24 -12.66
C MET B 66 -20.19 -3.56 -13.46
N ASP B 67 -20.25 -4.75 -14.04
CA ASP B 67 -21.44 -5.14 -14.80
C ASP B 67 -22.59 -5.51 -13.86
N GLU B 68 -23.74 -5.85 -14.44
CA GLU B 68 -24.91 -6.16 -13.63
C GLU B 68 -24.74 -7.42 -12.78
N GLN B 69 -23.80 -8.27 -13.17
CA GLN B 69 -23.50 -9.50 -12.42
C GLN B 69 -22.48 -9.26 -11.31
N GLY B 70 -21.94 -8.05 -11.25
CA GLY B 70 -20.99 -7.69 -10.20
C GLY B 70 -19.55 -8.02 -10.52
N TRP B 71 -19.23 -8.17 -11.81
CA TRP B 71 -17.84 -8.41 -12.24
C TRP B 71 -17.16 -7.11 -12.59
N LEU B 72 -15.88 -7.00 -12.25
CA LEU B 72 -15.13 -5.77 -12.44
C LEU B 72 -14.32 -5.81 -13.74
N MET B 73 -14.24 -4.68 -14.43
CA MET B 73 -13.52 -4.58 -15.70
C MET B 73 -13.14 -3.14 -16.01
N PRO B 74 -12.09 -2.95 -16.84
CA PRO B 74 -11.68 -1.60 -17.24
C PRO B 74 -12.81 -0.84 -17.93
N ASP B 75 -12.86 0.47 -17.70
CA ASP B 75 -13.86 1.33 -18.32
C ASP B 75 -13.19 2.30 -19.29
N THR B 76 -12.72 3.44 -18.78
CA THR B 76 -12.10 4.47 -19.62
C THR B 76 -10.58 4.47 -19.46
N THR B 77 -9.87 4.59 -20.57
CA THR B 77 -8.41 4.67 -20.55
C THR B 77 -7.91 6.03 -21.02
N LEU B 78 -7.04 6.64 -20.22
CA LEU B 78 -6.41 7.91 -20.57
C LEU B 78 -4.90 7.75 -20.44
N HIS B 79 -4.14 8.49 -21.24
CA HIS B 79 -2.68 8.48 -21.10
C HIS B 79 -2.06 9.75 -21.68
N PHE B 80 -1.03 10.24 -21.00
CA PHE B 80 -0.39 11.48 -21.39
C PHE B 80 1.12 11.39 -21.29
N HIS B 81 1.81 12.04 -22.20
CA HIS B 81 3.22 12.31 -22.03
C HIS B 81 3.31 13.67 -21.36
N VAL B 82 4.14 13.77 -20.34
CA VAL B 82 4.22 14.97 -19.52
C VAL B 82 5.57 15.65 -19.65
N GLU B 83 5.55 16.94 -20.00
CA GLU B 83 6.79 17.70 -20.04
C GLU B 83 7.26 17.96 -18.60
N PRO B 84 8.57 17.81 -18.37
CA PRO B 84 9.15 18.02 -17.05
C PRO B 84 8.90 19.44 -16.56
N PHE B 85 8.41 19.58 -15.33
CA PHE B 85 8.12 20.91 -14.80
C PHE B 85 9.40 21.74 -14.71
N VAL B 86 9.27 23.06 -14.81
CA VAL B 86 10.46 23.91 -14.79
C VAL B 86 11.16 23.84 -13.44
N GLY B 87 12.44 23.48 -13.47
CA GLY B 87 13.23 23.32 -12.26
C GLY B 87 13.35 21.87 -11.84
N ALA B 88 12.72 20.98 -12.60
CA ALA B 88 12.70 19.56 -12.26
C ALA B 88 14.09 18.92 -12.35
N ASN B 89 14.41 18.10 -11.36
CA ASN B 89 15.61 17.29 -11.43
C ASN B 89 15.37 16.09 -12.32
N LEU B 90 16.39 15.70 -13.08
CA LEU B 90 16.30 14.52 -13.92
C LEU B 90 17.51 13.61 -13.72
N GLN B 91 17.27 12.45 -13.13
CA GLN B 91 18.32 11.48 -12.88
C GLN B 91 18.57 10.64 -14.12
N PRO B 92 19.84 10.60 -14.58
CA PRO B 92 20.20 9.83 -15.77
C PRO B 92 19.85 8.35 -15.62
N GLU B 93 20.00 7.81 -14.41
CA GLU B 93 19.72 6.40 -14.16
C GLU B 93 18.25 6.07 -14.44
N ALA B 94 17.38 7.01 -14.13
CA ALA B 94 15.95 6.82 -14.34
C ALA B 94 15.62 6.81 -15.82
N LEU B 95 16.23 7.72 -16.56
CA LEU B 95 16.01 7.81 -18.00
C LEU B 95 16.57 6.60 -18.72
N ALA B 96 17.68 6.07 -18.21
CA ALA B 96 18.26 4.85 -18.76
C ALA B 96 17.30 3.70 -18.56
N PHE B 97 16.59 3.72 -17.43
CA PHE B 97 15.67 2.66 -17.08
C PHE B 97 14.40 2.67 -17.95
N ASN B 98 13.77 3.83 -18.06
CA ASN B 98 12.50 3.93 -18.80
C ASN B 98 12.66 4.28 -20.27
N GLY B 99 13.87 4.66 -20.67
CA GLY B 99 14.17 4.94 -22.06
C GLY B 99 13.58 6.22 -22.61
N ILE B 100 13.09 7.08 -21.72
CA ILE B 100 12.45 8.32 -22.13
C ILE B 100 13.45 9.44 -22.39
N ASP B 101 13.29 10.11 -23.54
CA ASP B 101 14.01 11.34 -23.84
C ASP B 101 13.07 12.50 -23.54
N PRO B 102 13.25 13.13 -22.38
CA PRO B 102 12.35 14.18 -21.89
C PRO B 102 12.47 15.46 -22.70
N ASN B 103 13.47 15.52 -23.58
CA ASN B 103 13.71 16.72 -24.38
C ASN B 103 13.29 16.56 -25.83
N ASP B 104 12.84 15.37 -26.20
CA ASP B 104 12.35 15.10 -27.55
C ASP B 104 11.11 15.92 -27.82
N PRO B 105 11.17 16.78 -28.85
CA PRO B 105 10.03 17.66 -29.19
C PRO B 105 8.86 16.91 -29.82
N ASP B 106 9.05 15.65 -30.17
CA ASP B 106 8.02 14.89 -30.88
C ASP B 106 7.34 13.84 -30.00
N ARG B 107 7.56 13.89 -28.70
CA ARG B 107 6.94 12.92 -27.80
C ARG B 107 5.52 13.32 -27.42
N GLY B 108 5.07 14.47 -27.93
CA GLY B 108 3.71 14.93 -27.72
C GLY B 108 3.39 15.26 -26.28
N ALA B 109 4.38 15.78 -25.56
CA ALA B 109 4.23 16.07 -24.14
C ALA B 109 3.31 17.27 -23.90
N VAL B 110 2.43 17.13 -22.90
CA VAL B 110 1.60 18.24 -22.44
C VAL B 110 2.01 18.58 -21.01
N SER B 111 1.51 19.69 -20.50
CA SER B 111 1.87 20.13 -19.16
C SER B 111 1.27 19.20 -18.10
N GLU B 112 1.83 19.24 -16.90
CA GLU B 112 1.29 18.51 -15.76
C GLU B 112 -0.15 18.92 -15.51
N TYR B 113 -0.42 20.21 -15.67
CA TYR B 113 -1.77 20.74 -15.51
C TYR B 113 -2.73 20.06 -16.49
N GLU B 114 -2.40 20.11 -17.78
CA GLU B 114 -3.27 19.57 -18.82
C GLU B 114 -3.58 18.08 -18.62
N ALA B 115 -2.55 17.31 -18.29
CA ALA B 115 -2.70 15.88 -18.07
C ALA B 115 -3.61 15.58 -16.87
N LEU B 116 -3.27 16.15 -15.72
CA LEU B 116 -4.00 15.88 -14.48
C LEU B 116 -5.40 16.51 -14.47
N HIS B 117 -5.56 17.66 -15.11
CA HIS B 117 -6.86 18.30 -15.20
C HIS B 117 -7.85 17.40 -15.92
N GLU B 118 -7.40 16.76 -17.00
CA GLU B 118 -8.26 15.88 -17.78
C GLU B 118 -8.55 14.59 -17.02
N ILE B 119 -7.53 14.05 -16.36
CA ILE B 119 -7.72 12.85 -15.55
C ILE B 119 -8.74 13.12 -14.44
N PHE B 120 -8.58 14.24 -13.76
CA PHE B 120 -9.48 14.59 -12.65
C PHE B 120 -10.92 14.77 -13.14
N LYS B 121 -11.07 15.34 -14.33
CA LYS B 121 -12.39 15.56 -14.92
C LYS B 121 -13.10 14.25 -15.20
N VAL B 122 -12.39 13.33 -15.85
CA VAL B 122 -12.93 12.01 -16.19
C VAL B 122 -13.24 11.22 -14.92
N VAL B 123 -12.39 11.36 -13.91
CA VAL B 123 -12.60 10.68 -12.64
C VAL B 123 -13.82 11.23 -11.88
N ARG B 124 -13.93 12.55 -11.79
CA ARG B 124 -15.10 13.18 -11.15
C ARG B 124 -16.39 12.77 -11.84
N LYS B 125 -16.35 12.70 -13.17
CA LYS B 125 -17.49 12.28 -13.95
C LYS B 125 -17.87 10.84 -13.61
N GLY B 126 -16.86 9.98 -13.50
CA GLY B 126 -17.07 8.59 -13.15
C GLY B 126 -17.59 8.42 -11.74
N ILE B 127 -17.07 9.23 -10.83
CA ILE B 127 -17.49 9.20 -9.43
C ILE B 127 -18.98 9.48 -9.29
N LYS B 128 -19.46 10.53 -9.96
CA LYS B 128 -20.88 10.88 -9.90
C LYS B 128 -21.77 9.85 -10.59
N ALA B 129 -21.33 9.37 -11.76
CA ALA B 129 -22.12 8.42 -12.53
C ALA B 129 -22.32 7.10 -11.80
N SER B 130 -21.36 6.72 -10.96
CA SER B 130 -21.41 5.44 -10.26
C SER B 130 -21.95 5.57 -8.84
N GLY B 131 -22.12 6.80 -8.38
CA GLY B 131 -22.64 7.04 -7.04
C GLY B 131 -21.60 6.84 -5.95
N CYS B 132 -20.34 6.95 -6.31
CA CYS B 132 -19.26 6.86 -5.34
C CYS B 132 -19.03 8.21 -4.68
N ASN B 133 -18.21 8.23 -3.63
CA ASN B 133 -17.93 9.45 -2.88
C ASN B 133 -16.63 10.11 -3.34
N ARG B 134 -15.63 9.29 -3.64
CA ARG B 134 -14.37 9.78 -4.19
C ARG B 134 -13.54 8.63 -4.74
N ALA B 135 -12.37 8.96 -5.27
CA ALA B 135 -11.54 7.97 -5.93
C ALA B 135 -10.43 7.46 -5.03
N ILE B 136 -10.01 6.22 -5.27
CA ILE B 136 -8.82 5.69 -4.63
C ILE B 136 -7.88 5.17 -5.70
N MET B 137 -6.60 5.53 -5.60
CA MET B 137 -5.64 5.10 -6.60
C MET B 137 -5.30 3.62 -6.46
N VAL B 138 -5.38 2.91 -7.56
CA VAL B 138 -4.87 1.54 -7.63
C VAL B 138 -3.56 1.58 -8.38
N ALA B 139 -2.48 1.15 -7.75
CA ALA B 139 -1.17 1.17 -8.40
C ALA B 139 -0.25 0.09 -7.84
N HIS B 140 0.80 -0.25 -8.57
CA HIS B 140 1.72 -1.27 -8.10
C HIS B 140 2.87 -0.65 -7.34
N ASN B 141 3.00 -1.03 -6.07
CA ASN B 141 3.80 -0.28 -5.10
C ASN B 141 3.26 1.14 -5.07
N ALA B 142 1.98 1.25 -4.70
CA ALA B 142 1.14 2.43 -4.94
C ALA B 142 1.62 3.75 -4.35
N ASN B 143 2.40 3.69 -3.27
CA ASN B 143 2.87 4.93 -2.67
C ASN B 143 3.70 5.73 -3.66
N PHE B 144 4.37 5.03 -4.56
CA PHE B 144 5.23 5.69 -5.54
C PHE B 144 4.40 6.58 -6.46
N ASP B 145 3.43 5.99 -7.14
CA ASP B 145 2.59 6.73 -8.07
C ASP B 145 1.75 7.77 -7.34
N HIS B 146 1.28 7.43 -6.15
CA HIS B 146 0.49 8.37 -5.35
C HIS B 146 1.28 9.62 -5.00
N SER B 147 2.52 9.42 -4.56
CA SER B 147 3.37 10.54 -4.17
C SER B 147 3.66 11.47 -5.35
N PHE B 148 3.86 10.89 -6.53
CA PHE B 148 4.14 11.69 -7.72
C PHE B 148 2.90 12.44 -8.23
N MET B 149 1.75 11.79 -8.19
CA MET B 149 0.53 12.46 -8.66
C MET B 149 0.15 13.60 -7.72
N MET B 150 0.32 13.40 -6.41
CA MET B 150 0.00 14.44 -5.43
C MET B 150 0.91 15.65 -5.58
N ALA B 151 2.20 15.38 -5.80
CA ALA B 151 3.17 16.45 -5.99
C ALA B 151 2.87 17.26 -7.25
N ALA B 152 2.51 16.57 -8.33
CA ALA B 152 2.19 17.22 -9.58
C ALA B 152 0.91 18.04 -9.46
N ALA B 153 -0.06 17.51 -8.71
CA ALA B 153 -1.31 18.21 -8.46
C ALA B 153 -1.06 19.51 -7.69
N GLU B 154 -0.12 19.45 -6.75
CA GLU B 154 0.25 20.62 -5.96
C GLU B 154 0.92 21.70 -6.82
N ARG B 155 1.88 21.29 -7.65
CA ARG B 155 2.58 22.20 -8.54
C ARG B 155 1.61 22.85 -9.52
N ALA B 156 0.69 22.06 -10.04
CA ALA B 156 -0.27 22.53 -11.04
C ALA B 156 -1.44 23.27 -10.40
N SER B 157 -1.40 23.41 -9.08
CA SER B 157 -2.41 24.16 -8.32
C SER B 157 -3.82 23.66 -8.60
N LEU B 158 -3.98 22.34 -8.67
CA LEU B 158 -5.28 21.77 -8.99
C LEU B 158 -6.24 21.72 -7.79
N LYS B 159 -7.50 22.00 -8.07
CA LYS B 159 -8.54 22.11 -7.07
C LYS B 159 -9.37 20.83 -6.99
N ARG B 160 -9.93 20.57 -5.82
CA ARG B 160 -10.86 19.45 -5.61
C ARG B 160 -10.31 18.13 -6.14
N ASN B 161 -9.13 17.75 -5.66
CA ASN B 161 -8.53 16.48 -6.03
C ASN B 161 -9.44 15.34 -5.60
N PRO B 162 -9.92 14.55 -6.57
CA PRO B 162 -10.88 13.49 -6.25
C PRO B 162 -10.23 12.28 -5.62
N PHE B 163 -8.91 12.21 -5.64
CA PHE B 163 -8.19 11.07 -5.09
C PHE B 163 -7.99 11.16 -3.58
N HIS B 164 -8.16 10.04 -2.90
CA HIS B 164 -7.92 9.97 -1.48
C HIS B 164 -6.50 10.42 -1.20
N PRO B 165 -6.32 11.34 -0.24
CA PRO B 165 -5.03 11.99 0.02
C PRO B 165 -3.96 11.10 0.63
N PHE B 166 -4.32 9.94 1.18
CA PHE B 166 -3.30 9.02 1.71
C PHE B 166 -3.54 7.53 1.45
N ALA B 167 -4.80 7.14 1.29
CA ALA B 167 -5.13 5.72 1.09
C ALA B 167 -4.95 5.30 -0.36
N THR B 168 -4.52 4.07 -0.57
CA THR B 168 -4.35 3.51 -1.91
C THR B 168 -4.74 2.04 -1.91
N PHE B 169 -4.92 1.48 -3.11
CA PHE B 169 -5.04 0.04 -3.29
C PHE B 169 -3.78 -0.47 -3.98
N ASP B 170 -2.83 -0.96 -3.18
CA ASP B 170 -1.54 -1.44 -3.70
C ASP B 170 -1.65 -2.85 -4.28
N THR B 171 -1.46 -2.98 -5.59
CA THR B 171 -1.58 -4.28 -6.23
C THR B 171 -0.45 -5.24 -5.84
N ALA B 172 0.67 -4.71 -5.37
CA ALA B 172 1.74 -5.58 -4.90
C ALA B 172 1.28 -6.38 -3.67
N ALA B 173 0.67 -5.69 -2.71
CA ALA B 173 0.11 -6.33 -1.53
C ALA B 173 -1.04 -7.27 -1.88
N LEU B 174 -1.92 -6.81 -2.75
CA LEU B 174 -3.07 -7.59 -3.18
C LEU B 174 -2.63 -8.87 -3.91
N ALA B 175 -1.60 -8.75 -4.73
CA ALA B 175 -1.07 -9.92 -5.43
C ALA B 175 -0.34 -10.86 -4.47
N GLY B 176 0.29 -10.29 -3.45
CA GLY B 176 0.94 -11.10 -2.43
C GLY B 176 -0.06 -12.03 -1.77
N LEU B 177 -1.23 -11.47 -1.45
CA LEU B 177 -2.31 -12.24 -0.86
C LEU B 177 -2.91 -13.25 -1.85
N ALA B 178 -3.32 -12.74 -3.00
CA ALA B 178 -4.06 -13.55 -3.96
C ALA B 178 -3.19 -14.58 -4.67
N LEU B 179 -1.95 -14.21 -4.97
CA LEU B 179 -1.12 -15.00 -5.88
C LEU B 179 0.23 -15.41 -5.30
N GLY B 180 0.57 -14.89 -4.12
CA GLY B 180 1.83 -15.20 -3.49
C GLY B 180 3.02 -14.57 -4.20
N GLN B 181 2.77 -13.51 -4.95
CA GLN B 181 3.83 -12.81 -5.69
C GLN B 181 3.66 -11.29 -5.55
N THR B 182 4.76 -10.55 -5.52
CA THR B 182 4.69 -9.10 -5.32
C THR B 182 5.25 -8.30 -6.50
N VAL B 183 6.07 -8.94 -7.32
CA VAL B 183 6.61 -8.30 -8.51
C VAL B 183 5.55 -8.32 -9.61
N LEU B 184 5.34 -7.17 -10.26
CA LEU B 184 4.26 -7.02 -11.23
C LEU B 184 4.28 -8.08 -12.33
N SER B 185 5.43 -8.24 -12.99
CA SER B 185 5.56 -9.21 -14.06
C SER B 185 5.21 -10.63 -13.61
N LYS B 186 5.73 -11.00 -12.44
CA LYS B 186 5.53 -12.35 -11.92
C LYS B 186 4.10 -12.59 -11.45
N ALA B 187 3.49 -11.56 -10.86
CA ALA B 187 2.10 -11.64 -10.45
C ALA B 187 1.19 -11.82 -11.65
N CYS B 188 1.43 -11.05 -12.70
CA CYS B 188 0.62 -11.17 -13.91
C CYS B 188 0.74 -12.57 -14.49
N GLN B 189 1.96 -13.08 -14.56
CA GLN B 189 2.19 -14.42 -15.12
C GLN B 189 1.51 -15.49 -14.27
N THR B 190 1.58 -15.34 -12.96
CA THR B 190 0.93 -16.27 -12.03
C THR B 190 -0.59 -16.23 -12.20
N ALA B 191 -1.12 -15.07 -12.55
CA ALA B 191 -2.55 -14.91 -12.80
C ALA B 191 -2.96 -15.41 -14.18
N GLY B 192 -1.99 -15.89 -14.96
CA GLY B 192 -2.27 -16.39 -16.29
C GLY B 192 -2.33 -15.29 -17.34
N MET B 193 -1.75 -14.13 -17.03
CA MET B 193 -1.78 -13.01 -17.96
C MET B 193 -0.50 -12.99 -18.77
N ASP B 194 -0.60 -12.50 -19.99
CA ASP B 194 0.59 -12.28 -20.80
C ASP B 194 1.32 -11.07 -20.23
N PHE B 195 2.65 -11.12 -20.21
CA PHE B 195 3.43 -9.97 -19.81
C PHE B 195 4.72 -9.89 -20.61
N ASP B 196 4.85 -8.80 -21.36
CA ASP B 196 5.98 -8.61 -22.26
C ASP B 196 6.95 -7.59 -21.66
N SER B 197 8.12 -8.07 -21.25
CA SER B 197 9.12 -7.24 -20.58
C SER B 197 9.59 -6.07 -21.43
N THR B 198 9.47 -6.20 -22.75
CA THR B 198 9.91 -5.15 -23.67
C THR B 198 8.96 -3.96 -23.73
N GLN B 199 7.78 -4.14 -23.13
CA GLN B 199 6.75 -3.11 -23.20
C GLN B 199 6.46 -2.42 -21.88
N ALA B 200 7.02 -2.96 -20.80
CA ALA B 200 6.52 -2.60 -19.46
C ALA B 200 7.18 -1.34 -18.87
N HIS B 201 7.68 -0.47 -19.74
CA HIS B 201 8.24 0.81 -19.26
C HIS B 201 7.37 1.95 -19.73
N SER B 202 6.39 1.62 -20.56
CA SER B 202 5.39 2.60 -20.98
C SER B 202 4.27 2.62 -19.94
N ALA B 203 3.82 3.82 -19.58
CA ALA B 203 2.76 3.96 -18.59
C ALA B 203 1.47 3.29 -19.05
N LEU B 204 1.17 3.43 -20.34
CA LEU B 204 -0.04 2.83 -20.88
C LEU B 204 -0.08 1.31 -20.70
N TYR B 205 1.01 0.65 -21.10
CA TYR B 205 1.08 -0.81 -21.00
C TYR B 205 1.05 -1.27 -19.54
N ASP B 206 1.85 -0.63 -18.70
CA ASP B 206 1.88 -0.98 -17.28
C ASP B 206 0.52 -0.80 -16.62
N THR B 207 -0.15 0.31 -16.94
CA THR B 207 -1.45 0.60 -16.34
C THR B 207 -2.49 -0.44 -16.75
N GLU B 208 -2.48 -0.81 -18.03
CA GLU B 208 -3.42 -1.79 -18.54
C GLU B 208 -3.22 -3.16 -17.88
N ARG B 209 -1.98 -3.60 -17.78
CA ARG B 209 -1.67 -4.87 -17.13
C ARG B 209 -2.07 -4.82 -15.65
N THR B 210 -1.77 -3.70 -15.00
CA THR B 210 -2.10 -3.53 -13.58
C THR B 210 -3.62 -3.54 -13.37
N ALA B 211 -4.34 -2.86 -14.26
CA ALA B 211 -5.80 -2.83 -14.19
C ALA B 211 -6.41 -4.22 -14.34
N VAL B 212 -5.91 -4.98 -15.31
CA VAL B 212 -6.38 -6.35 -15.53
C VAL B 212 -6.03 -7.23 -14.33
N LEU B 213 -4.84 -7.04 -13.79
CA LEU B 213 -4.42 -7.78 -12.60
C LEU B 213 -5.37 -7.49 -11.42
N PHE B 214 -5.65 -6.21 -11.17
CA PHE B 214 -6.54 -5.82 -10.09
C PHE B 214 -7.92 -6.41 -10.28
N CYS B 215 -8.44 -6.30 -11.50
CA CYS B 215 -9.77 -6.83 -11.81
C CYS B 215 -9.85 -8.35 -11.60
N GLU B 216 -8.83 -9.08 -12.04
CA GLU B 216 -8.78 -10.54 -11.88
C GLU B 216 -8.74 -10.93 -10.41
N ILE B 217 -7.96 -10.20 -9.61
CA ILE B 217 -7.88 -10.48 -8.19
C ILE B 217 -9.23 -10.28 -7.52
N VAL B 218 -9.88 -9.16 -7.82
CA VAL B 218 -11.21 -8.88 -7.27
C VAL B 218 -12.23 -9.91 -7.75
N ASN B 219 -12.22 -10.19 -9.05
CA ASN B 219 -13.15 -11.17 -9.61
C ASN B 219 -12.93 -12.58 -9.10
N ARG B 220 -11.67 -12.94 -8.86
CA ARG B 220 -11.35 -14.27 -8.35
C ARG B 220 -11.86 -14.45 -6.92
N TRP B 221 -11.75 -13.38 -6.12
CA TRP B 221 -12.26 -13.41 -4.75
C TRP B 221 -13.78 -13.67 -4.77
N LYS B 222 -14.46 -13.00 -5.69
CA LYS B 222 -15.90 -13.20 -5.86
C LYS B 222 -16.22 -14.60 -6.36
N ARG B 223 -15.44 -15.06 -7.33
CA ARG B 223 -15.68 -16.36 -7.95
C ARG B 223 -15.50 -17.50 -6.95
N LEU B 224 -14.56 -17.35 -6.03
CA LEU B 224 -14.29 -18.41 -5.06
C LEU B 224 -15.17 -18.29 -3.82
N GLY B 225 -16.11 -17.36 -3.84
CA GLY B 225 -17.13 -17.27 -2.80
C GLY B 225 -16.80 -16.31 -1.67
N GLY B 226 -15.82 -15.45 -1.89
CA GLY B 226 -15.41 -14.49 -0.87
C GLY B 226 -16.25 -13.23 -0.86
N TRP B 227 -16.99 -13.01 -1.94
CA TRP B 227 -17.88 -11.86 -2.06
C TRP B 227 -19.12 -12.28 -2.83
N PRO B 228 -20.31 -11.82 -2.39
CA PRO B 228 -20.54 -10.95 -1.22
C PRO B 228 -20.31 -11.67 0.11
N LEU B 229 -20.27 -10.92 1.20
CA LEU B 229 -19.95 -11.48 2.50
C LEU B 229 -20.99 -12.48 2.98
N SER B 230 -22.21 -12.37 2.45
CA SER B 230 -23.30 -13.26 2.81
C SER B 230 -23.16 -14.64 2.17
N ALA B 231 -22.07 -14.86 1.44
CA ALA B 231 -21.84 -16.12 0.74
C ALA B 231 -20.89 -17.04 1.50
#